data_4L1Z
#
_entry.id   4L1Z
#
_cell.length_a   49.294
_cell.length_b   41.895
_cell.length_c   65.773
_cell.angle_alpha   90.00
_cell.angle_beta   95.21
_cell.angle_gamma   90.00
#
_symmetry.space_group_name_H-M   'P 1 21 1'
#
loop_
_entity.id
_entity.type
_entity.pdbx_description
1 polymer 'Salivary nitrophorin'
2 non-polymer 'PROTOPORPHYRIN IX CONTAINING FE'
3 water water
#
_entity_poly.entity_id   1
_entity_poly.type   'polypeptide(L)'
_entity_poly.pdbx_seq_one_letter_code
;PPAQLSVHTVSWNSGHERAPTNLEELLGLNSGETPDVIAVAVQGFGFQTDKPQQGPACVKNVQSLLTSKGYTKLKNTITE
TMGLTVYCLEKHLDQNTLKNETIIVTVDDQKKSGGIVTSFTIYNKRFSFTTSRMSDEDVTSTNTKYAYDTRLDYSKKDDP
SDFLFWIGDLNVRVETNATHAKSLVDQNNIDGLMAFDQLKKAKEQKLFDGWTEPQVTFKPTYKFKPNTDEYDLSATPSWT
DRALYKSGTGKTIQPLSYNSLTNYKQTEHRPVLAKFRVTL
;
_entity_poly.pdbx_strand_id   A
#
loop_
_chem_comp.id
_chem_comp.type
_chem_comp.name
_chem_comp.formula
HEM non-polymer 'PROTOPORPHYRIN IX CONTAINING FE' 'C34 H32 Fe N4 O4'
#
# COMPACT_ATOMS: atom_id res chain seq x y z
N PRO A 1 -21.27 19.11 2.96
CA PRO A 1 -20.48 18.05 2.32
C PRO A 1 -19.51 18.59 1.26
N PRO A 2 -18.20 18.35 1.43
CA PRO A 2 -17.28 18.87 0.41
C PRO A 2 -17.52 18.22 -0.96
N ALA A 3 -17.12 18.94 -2.01
CA ALA A 3 -17.08 18.43 -3.36
C ALA A 3 -15.94 17.40 -3.49
N GLN A 4 -14.82 17.66 -2.80
CA GLN A 4 -13.62 16.77 -2.90
C GLN A 4 -12.93 16.43 -1.57
N LEU A 5 -12.23 15.29 -1.51
CA LEU A 5 -11.41 14.95 -0.35
C LEU A 5 -10.04 14.51 -0.86
N SER A 6 -9.02 14.66 0.00
CA SER A 6 -7.66 14.22 -0.30
C SER A 6 -7.33 12.96 0.51
N VAL A 7 -6.55 12.05 -0.10
CA VAL A 7 -6.21 10.75 0.48
C VAL A 7 -4.70 10.58 0.30
N HIS A 8 -3.98 10.35 1.39
CA HIS A 8 -2.59 9.91 1.28
C HIS A 8 -2.53 8.46 1.64
N THR A 9 -1.75 7.68 0.89
CA THR A 9 -1.43 6.31 1.20
C THR A 9 0.07 6.10 1.21
N VAL A 10 0.54 5.26 2.10
CA VAL A 10 1.95 4.78 2.07
C VAL A 10 2.06 3.31 2.47
N SER A 11 2.87 2.58 1.74
CA SER A 11 3.14 1.24 2.10
C SER A 11 4.67 0.99 2.04
N TRP A 12 5.11 0.08 2.89
CA TRP A 12 6.50 -0.34 2.99
C TRP A 12 6.62 -1.82 3.25
N ASN A 13 7.37 -2.53 2.43
CA ASN A 13 7.80 -3.85 2.78
C ASN A 13 9.01 -3.68 3.67
N SER A 14 8.72 -3.66 4.95
CA SER A 14 9.71 -3.19 5.92
C SER A 14 10.39 -4.33 6.62
N GLY A 15 9.92 -5.57 6.45
CA GLY A 15 10.64 -6.72 7.03
C GLY A 15 10.62 -6.74 8.56
N HIS A 16 11.81 -6.79 9.15
CA HIS A 16 11.98 -6.81 10.60
C HIS A 16 12.31 -5.40 11.10
N GLU A 17 12.17 -4.39 10.29
CA GLU A 17 12.61 -3.04 10.64
C GLU A 17 11.56 -2.32 11.51
N ARG A 18 12.00 -1.67 12.60
CA ARG A 18 11.09 -0.83 13.39
C ARG A 18 10.62 0.40 12.66
N ALA A 19 9.46 0.92 13.09
CA ALA A 19 9.02 2.19 12.62
C ALA A 19 10.07 3.28 12.77
N PRO A 20 10.21 4.15 11.76
CA PRO A 20 11.08 5.30 11.91
C PRO A 20 10.44 6.27 12.88
N THR A 21 11.24 7.11 13.50
CA THR A 21 10.71 8.06 14.45
C THR A 21 10.34 9.36 13.75
N ASN A 22 10.92 9.63 12.58
CA ASN A 22 10.52 10.72 11.67
C ASN A 22 9.40 10.36 10.64
N LEU A 23 8.14 10.62 11.01
CA LEU A 23 6.96 10.11 10.28
C LEU A 23 6.34 11.14 9.34
N GLU A 24 6.73 12.41 9.45
CA GLU A 24 6.10 13.42 8.66
C GLU A 24 6.33 13.29 7.16
N GLU A 25 7.56 12.97 6.76
CA GLU A 25 7.82 12.72 5.38
C GLU A 25 7.04 11.47 4.90
N LEU A 26 7.08 10.40 5.70
CA LEU A 26 6.44 9.12 5.35
C LEU A 26 4.95 9.29 5.01
N LEU A 27 4.27 10.21 5.72
CA LEU A 27 2.82 10.41 5.51
C LEU A 27 2.53 11.53 4.56
N GLY A 28 3.59 12.18 4.09
CA GLY A 28 3.41 13.21 3.13
C GLY A 28 2.89 14.50 3.79
N LEU A 29 3.33 14.77 5.02
CA LEU A 29 2.83 15.96 5.77
C LEU A 29 3.88 17.09 5.89
N ASN A 30 5.10 16.79 5.50
CA ASN A 30 6.22 17.69 5.65
C ASN A 30 6.27 18.95 4.74
N SER A 31 5.31 19.16 3.84
CA SER A 31 5.14 20.49 3.17
C SER A 31 3.85 21.16 3.65
N GLY A 32 3.40 20.73 4.84
CA GLY A 32 2.23 21.30 5.52
C GLY A 32 0.84 20.86 5.06
N GLU A 33 0.77 19.76 4.29
CA GLU A 33 -0.54 19.32 3.77
C GLU A 33 -1.36 18.72 4.92
N THR A 34 -2.68 18.75 4.78
CA THR A 34 -3.58 18.18 5.78
C THR A 34 -4.60 17.36 5.05
N PRO A 35 -4.20 16.13 4.65
CA PRO A 35 -5.15 15.34 3.88
C PRO A 35 -6.27 14.89 4.71
N ASP A 36 -7.38 14.59 4.05
CA ASP A 36 -8.61 14.14 4.75
C ASP A 36 -8.54 12.73 5.32
N VAL A 37 -7.89 11.80 4.60
CA VAL A 37 -7.70 10.42 5.06
C VAL A 37 -6.27 10.01 4.81
N ILE A 38 -5.73 9.24 5.74
CA ILE A 38 -4.39 8.62 5.61
C ILE A 38 -4.43 7.14 5.87
N ALA A 39 -3.81 6.33 4.98
CA ALA A 39 -3.72 4.91 5.18
C ALA A 39 -2.23 4.50 5.08
N VAL A 40 -1.81 3.69 6.03
CA VAL A 40 -0.45 3.20 6.13
C VAL A 40 -0.48 1.61 6.19
N ALA A 41 0.27 0.97 5.30
CA ALA A 41 0.37 -0.45 5.20
C ALA A 41 1.83 -0.89 5.29
N VAL A 42 2.07 -1.98 6.02
CA VAL A 42 3.39 -2.65 6.03
C VAL A 42 3.27 -4.15 5.77
N GLN A 43 4.38 -4.75 5.31
CA GLN A 43 4.56 -6.14 5.22
C GLN A 43 5.93 -6.47 5.84
N GLY A 44 6.00 -7.57 6.56
CA GLY A 44 7.21 -7.99 7.24
C GLY A 44 7.00 -9.18 8.19
N PHE A 45 7.60 -9.11 9.37
CA PHE A 45 7.61 -10.29 10.23
C PHE A 45 7.43 -9.89 11.69
N GLY A 46 6.47 -10.50 12.38
CA GLY A 46 6.40 -10.39 13.85
C GLY A 46 5.48 -9.36 14.46
N PHE A 47 4.80 -8.56 13.65
CA PHE A 47 4.00 -7.48 14.20
C PHE A 47 3.07 -7.86 15.38
N GLN A 48 2.28 -8.92 15.21
CA GLN A 48 1.18 -9.25 16.14
C GLN A 48 1.70 -9.65 17.50
N THR A 49 2.62 -10.61 17.51
CA THR A 49 3.26 -11.08 18.75
C THR A 49 4.11 -9.94 19.34
N ASP A 50 4.84 -9.27 18.46
CA ASP A 50 5.58 -8.10 18.85
C ASP A 50 6.61 -8.41 19.91
N LYS A 51 7.41 -9.44 19.66
CA LYS A 51 8.59 -9.74 20.49
C LYS A 51 9.39 -8.46 20.76
N PRO A 52 9.78 -7.73 19.70
CA PRO A 52 10.62 -6.50 19.85
C PRO A 52 10.02 -5.37 20.72
N GLN A 53 8.77 -5.54 21.17
CA GLN A 53 8.10 -4.54 22.00
C GLN A 53 8.10 -3.15 21.33
N GLN A 54 7.79 -3.15 20.04
CA GLN A 54 7.77 -1.94 19.25
C GLN A 54 6.42 -1.26 19.27
N GLY A 55 5.34 -2.02 19.38
CA GLY A 55 3.97 -1.43 19.43
C GLY A 55 3.79 -0.08 20.10
N PRO A 56 4.28 0.05 21.35
CA PRO A 56 4.05 1.29 22.07
C PRO A 56 4.68 2.51 21.43
N ALA A 57 5.89 2.38 20.86
CA ALA A 57 6.53 3.48 20.15
C ALA A 57 5.70 3.87 18.92
N CYS A 58 5.25 2.86 18.19
CA CYS A 58 4.48 3.15 16.99
C CYS A 58 3.29 3.99 17.42
N VAL A 59 2.55 3.49 18.39
CA VAL A 59 1.36 4.18 18.91
C VAL A 59 1.75 5.55 19.47
N LYS A 60 2.62 5.56 20.46
CA LYS A 60 3.01 6.82 21.08
C LYS A 60 3.42 7.86 20.02
N ASN A 61 4.30 7.48 19.09
CA ASN A 61 4.80 8.44 18.09
C ASN A 61 3.81 8.86 17.01
N VAL A 62 2.97 7.94 16.53
CA VAL A 62 1.94 8.34 15.57
C VAL A 62 0.83 9.08 16.32
N GLN A 63 0.33 8.45 17.41
CA GLN A 63 -0.89 8.95 18.10
C GLN A 63 -0.55 10.33 18.58
N SER A 64 0.67 10.47 19.08
CA SER A 64 1.33 11.77 19.21
C SER A 64 0.97 12.73 18.08
N LEU A 65 1.44 12.50 16.90
CA LEU A 65 1.63 13.51 15.86
C LEU A 65 0.29 13.85 15.13
N LEU A 66 -0.54 12.85 14.93
CA LEU A 66 -1.74 13.05 14.11
C LEU A 66 -2.87 13.74 14.89
N THR A 67 -2.87 13.54 16.22
CA THR A 67 -3.94 14.08 17.06
C THR A 67 -4.04 15.62 17.08
N SER A 68 -2.92 16.35 17.18
CA SER A 68 -2.88 17.82 16.93
C SER A 68 -3.61 18.28 15.64
N LYS A 69 -3.51 17.47 14.59
CA LYS A 69 -3.98 17.89 13.28
C LYS A 69 -5.45 17.55 13.07
N GLY A 70 -6.00 16.82 14.04
CA GLY A 70 -7.41 16.58 14.13
C GLY A 70 -7.80 15.25 13.53
N TYR A 71 -6.85 14.33 13.37
CA TYR A 71 -7.16 12.98 12.88
C TYR A 71 -7.74 12.05 13.96
N THR A 72 -8.61 11.14 13.55
CA THR A 72 -9.02 10.01 14.38
C THR A 72 -8.58 8.69 13.69
N LYS A 73 -8.09 7.73 14.46
CA LYS A 73 -7.76 6.38 13.95
C LYS A 73 -9.06 5.58 13.86
N LEU A 74 -9.43 5.26 12.63
CA LEU A 74 -10.59 4.42 12.41
C LEU A 74 -10.26 2.99 12.81
N LYS A 75 -9.06 2.47 12.42
CA LYS A 75 -8.69 1.10 12.72
C LYS A 75 -7.21 0.83 12.44
N ASN A 76 -6.59 0.07 13.31
CA ASN A 76 -5.27 -0.56 13.13
C ASN A 76 -5.52 -2.04 13.17
N THR A 77 -5.01 -2.80 12.16
CA THR A 77 -5.11 -4.23 12.11
C THR A 77 -3.70 -4.77 11.82
N ILE A 78 -3.26 -5.75 12.60
CA ILE A 78 -1.96 -6.37 12.40
C ILE A 78 -2.08 -7.89 12.42
N THR A 79 -1.17 -8.53 11.70
CA THR A 79 -1.06 -9.98 11.70
C THR A 79 0.42 -10.27 11.83
N GLU A 80 0.84 -11.48 11.57
CA GLU A 80 2.24 -11.80 11.79
C GLU A 80 3.09 -11.30 10.63
N THR A 81 2.43 -11.06 9.47
CA THR A 81 3.11 -10.56 8.28
C THR A 81 2.65 -9.24 7.68
N MET A 82 1.52 -8.67 8.12
CA MET A 82 0.95 -7.44 7.55
C MET A 82 0.43 -6.48 8.60
N GLY A 83 0.26 -5.24 8.18
CA GLY A 83 -0.32 -4.16 8.99
C GLY A 83 -1.04 -3.12 8.14
N LEU A 84 -2.20 -2.62 8.62
CA LEU A 84 -2.93 -1.66 7.92
C LEU A 84 -3.59 -0.77 8.95
N THR A 85 -3.38 0.54 8.80
CA THR A 85 -3.99 1.59 9.65
C THR A 85 -4.61 2.63 8.83
N VAL A 86 -5.85 3.06 9.20
CA VAL A 86 -6.54 4.07 8.47
C VAL A 86 -6.95 5.17 9.47
N TYR A 87 -6.66 6.41 9.10
CA TYR A 87 -7.05 7.62 9.80
C TYR A 87 -7.90 8.57 8.98
N CYS A 88 -8.86 9.26 9.65
CA CYS A 88 -9.68 10.24 9.00
C CYS A 88 -9.81 11.50 9.92
N LEU A 89 -9.75 12.67 9.34
CA LEU A 89 -10.04 13.90 10.09
C LEU A 89 -11.41 13.69 10.79
N GLU A 90 -11.37 13.80 12.12
CA GLU A 90 -12.56 13.89 13.00
C GLU A 90 -13.74 14.62 12.43
N LYS A 91 -13.49 15.76 11.78
CA LYS A 91 -14.58 16.63 11.30
C LYS A 91 -15.51 15.96 10.27
N HIS A 92 -15.10 14.84 9.69
CA HIS A 92 -15.88 14.21 8.62
C HIS A 92 -16.77 13.06 9.13
N LEU A 93 -16.59 12.59 10.37
CA LEU A 93 -17.23 11.37 10.88
C LEU A 93 -18.65 11.57 11.48
N ASP A 94 -19.63 10.91 10.89
CA ASP A 94 -20.98 10.80 11.48
C ASP A 94 -21.10 9.36 11.96
N GLN A 95 -21.07 9.19 13.27
CA GLN A 95 -20.96 7.87 13.82
C GLN A 95 -22.11 6.91 13.49
N ASN A 96 -23.28 7.39 13.15
CA ASN A 96 -24.24 6.31 12.83
C ASN A 96 -24.51 6.09 11.36
N THR A 97 -23.67 6.65 10.48
CA THR A 97 -23.60 6.26 9.04
C THR A 97 -22.22 5.65 8.65
N LEU A 98 -21.25 5.71 9.56
CA LEU A 98 -19.83 5.40 9.22
C LEU A 98 -19.67 3.93 8.87
N LYS A 99 -20.40 3.05 9.52
CA LYS A 99 -20.28 1.59 9.20
C LYS A 99 -18.82 1.10 9.03
N ASN A 100 -18.00 1.33 10.07
CA ASN A 100 -16.53 1.00 10.10
C ASN A 100 -16.32 -0.52 10.22
N GLU A 101 -15.76 -1.17 9.18
CA GLU A 101 -15.67 -2.63 9.21
C GLU A 101 -14.33 -3.02 8.60
N THR A 102 -13.76 -4.07 9.15
CA THR A 102 -12.52 -4.67 8.63
C THR A 102 -12.64 -6.15 8.59
N ILE A 103 -12.17 -6.75 7.48
CA ILE A 103 -12.01 -8.16 7.43
C ILE A 103 -10.57 -8.52 7.19
N ILE A 104 -10.27 -9.75 7.56
CA ILE A 104 -8.99 -10.36 7.33
C ILE A 104 -9.23 -11.62 6.54
N VAL A 105 -8.48 -11.80 5.46
CA VAL A 105 -8.45 -13.04 4.74
C VAL A 105 -7.10 -13.77 4.85
N THR A 106 -7.16 -15.08 5.04
CA THR A 106 -5.97 -15.92 5.23
C THR A 106 -6.00 -17.06 4.22
N VAL A 107 -4.92 -17.26 3.47
CA VAL A 107 -4.86 -18.19 2.35
C VAL A 107 -4.09 -19.48 2.68
N ASP A 108 -3.30 -19.47 3.75
CA ASP A 108 -2.53 -20.63 4.20
C ASP A 108 -2.78 -20.95 5.67
N ASP A 109 -2.52 -22.20 6.06
CA ASP A 109 -2.80 -22.62 7.42
C ASP A 109 -1.94 -21.98 8.51
N GLN A 110 -0.82 -21.34 8.13
CA GLN A 110 -0.02 -20.54 9.05
C GLN A 110 -0.42 -19.05 9.15
N LYS A 111 -1.38 -18.66 8.33
CA LYS A 111 -1.87 -17.29 8.36
C LYS A 111 -0.76 -16.26 8.05
N LYS A 112 0.19 -16.62 7.18
CA LYS A 112 1.24 -15.68 6.75
C LYS A 112 0.91 -14.92 5.45
N SER A 113 0.06 -15.50 4.60
CA SER A 113 -0.36 -14.87 3.36
C SER A 113 -1.86 -14.58 3.34
N GLY A 114 -2.21 -13.50 2.68
CA GLY A 114 -3.60 -13.09 2.66
C GLY A 114 -3.74 -11.61 2.49
N GLY A 115 -4.73 -11.02 3.13
CA GLY A 115 -4.93 -9.60 3.06
C GLY A 115 -5.82 -9.05 4.17
N ILE A 116 -5.96 -7.73 4.12
CA ILE A 116 -6.81 -6.97 5.08
C ILE A 116 -7.60 -5.96 4.34
N VAL A 117 -8.90 -5.77 4.67
CA VAL A 117 -9.69 -4.69 4.06
C VAL A 117 -10.38 -3.91 5.12
N THR A 118 -10.19 -2.60 5.13
CA THR A 118 -10.87 -1.67 6.05
C THR A 118 -11.69 -0.68 5.26
N SER A 119 -13.00 -0.56 5.58
CA SER A 119 -13.94 0.22 4.81
C SER A 119 -14.79 1.10 5.79
N PHE A 120 -15.22 2.23 5.27
CA PHE A 120 -15.99 3.19 6.11
C PHE A 120 -16.68 4.16 5.20
N THR A 121 -17.75 4.80 5.70
CA THR A 121 -18.50 5.71 4.88
C THR A 121 -18.45 7.13 5.45
N ILE A 122 -18.23 8.11 4.58
CA ILE A 122 -18.37 9.50 4.94
C ILE A 122 -19.15 10.19 3.86
N TYR A 123 -20.06 11.09 4.29
CA TYR A 123 -20.87 11.83 3.33
C TYR A 123 -21.55 10.86 2.38
N ASN A 124 -22.00 9.73 2.92
CA ASN A 124 -22.67 8.70 2.12
C ASN A 124 -21.86 8.11 0.95
N LYS A 125 -20.53 8.22 1.00
CA LYS A 125 -19.62 7.55 0.05
C LYS A 125 -18.81 6.50 0.80
N ARG A 126 -18.67 5.29 0.25
CA ARG A 126 -17.91 4.23 0.89
C ARG A 126 -16.48 4.09 0.36
N PHE A 127 -15.55 4.24 1.26
CA PHE A 127 -14.10 3.98 1.04
C PHE A 127 -13.73 2.56 1.46
N SER A 128 -12.81 1.92 0.70
CA SER A 128 -12.25 0.67 1.12
C SER A 128 -10.75 0.75 0.82
N PHE A 129 -9.98 0.38 1.82
CA PHE A 129 -8.50 0.19 1.75
C PHE A 129 -8.11 -1.28 1.99
N THR A 130 -7.24 -1.80 1.08
CA THR A 130 -6.81 -3.16 1.08
C THR A 130 -5.29 -3.18 1.13
N THR A 131 -4.75 -4.10 1.89
CA THR A 131 -3.33 -4.55 1.69
C THR A 131 -3.29 -6.05 1.63
N SER A 132 -2.21 -6.59 1.04
CA SER A 132 -2.11 -8.01 0.85
C SER A 132 -0.66 -8.48 0.75
N ARG A 133 -0.47 -9.77 0.92
CA ARG A 133 0.86 -10.41 1.08
C ARG A 133 0.80 -11.82 0.55
N MET A 134 1.67 -12.15 -0.40
CA MET A 134 1.77 -13.51 -0.90
C MET A 134 3.22 -13.94 -1.04
N SER A 135 3.49 -15.24 -0.84
CA SER A 135 4.82 -15.82 -1.00
CA SER A 135 4.81 -15.82 -1.00
C SER A 135 5.03 -16.29 -2.42
N ASP A 136 6.25 -16.35 -2.94
CA ASP A 136 6.42 -16.93 -4.22
C ASP A 136 6.01 -18.41 -4.35
N GLU A 137 6.08 -19.18 -3.24
CA GLU A 137 6.04 -20.63 -3.32
CA GLU A 137 5.97 -20.66 -3.24
C GLU A 137 4.57 -21.16 -3.04
N ASP A 138 3.71 -20.38 -2.44
CA ASP A 138 2.33 -20.96 -2.17
CA ASP A 138 2.41 -21.01 -2.14
C ASP A 138 1.34 -21.31 -3.38
N VAL A 139 0.50 -22.28 -3.02
CA VAL A 139 -0.59 -22.64 -3.84
C VAL A 139 -1.77 -21.77 -3.42
N THR A 140 -2.48 -21.22 -4.39
CA THR A 140 -3.35 -20.12 -4.22
C THR A 140 -4.67 -20.36 -4.97
N SER A 141 -5.76 -19.63 -4.65
CA SER A 141 -6.94 -19.59 -5.56
C SER A 141 -6.65 -19.15 -6.96
N THR A 142 -5.57 -18.41 -7.18
CA THR A 142 -5.28 -17.95 -8.48
C THR A 142 -4.28 -18.79 -9.27
N ASN A 143 -3.63 -19.72 -8.61
CA ASN A 143 -2.47 -20.42 -9.19
C ASN A 143 -1.37 -19.53 -9.76
N THR A 144 -1.26 -18.34 -9.16
CA THR A 144 -0.16 -17.42 -9.42
C THR A 144 0.50 -17.07 -8.06
N LYS A 145 1.62 -16.33 -8.07
CA LYS A 145 2.32 -15.81 -6.91
C LYS A 145 1.89 -14.44 -6.51
N TYR A 146 0.91 -13.85 -7.24
CA TYR A 146 0.56 -12.42 -7.03
C TYR A 146 -0.39 -12.29 -5.86
N ALA A 147 -0.25 -11.18 -5.13
CA ALA A 147 -1.03 -11.02 -3.93
C ALA A 147 -2.49 -10.51 -4.14
N TYR A 148 -3.25 -11.27 -4.90
CA TYR A 148 -4.65 -11.01 -5.20
C TYR A 148 -5.55 -12.15 -4.71
N ASP A 149 -6.73 -11.81 -4.16
CA ASP A 149 -7.78 -12.77 -3.87
C ASP A 149 -9.08 -12.00 -4.06
N THR A 150 -10.09 -12.61 -4.63
CA THR A 150 -11.30 -11.84 -4.96
C THR A 150 -12.01 -11.34 -3.71
N ARG A 151 -11.77 -12.01 -2.57
CA ARG A 151 -12.41 -11.65 -1.36
C ARG A 151 -11.91 -10.31 -0.80
N LEU A 152 -10.74 -9.87 -1.29
CA LEU A 152 -10.17 -8.58 -0.85
C LEU A 152 -10.53 -7.50 -1.79
N ASP A 153 -11.27 -7.80 -2.86
CA ASP A 153 -11.55 -6.83 -3.94
C ASP A 153 -13.01 -6.37 -3.77
N TYR A 154 -13.20 -5.19 -3.20
CA TYR A 154 -14.57 -4.68 -2.93
C TYR A 154 -15.24 -4.02 -4.14
N SER A 155 -14.62 -4.12 -5.31
CA SER A 155 -15.24 -3.73 -6.57
C SER A 155 -16.00 -4.89 -7.16
N LYS A 156 -15.75 -6.11 -6.69
CA LYS A 156 -16.45 -7.33 -7.12
C LYS A 156 -17.47 -7.72 -6.06
N LYS A 157 -18.22 -6.74 -5.61
CA LYS A 157 -19.27 -6.92 -4.63
C LYS A 157 -20.53 -6.54 -5.36
N ASP A 158 -21.66 -7.10 -4.92
CA ASP A 158 -22.96 -6.68 -5.44
C ASP A 158 -23.17 -5.16 -5.31
N ASP A 159 -22.70 -4.63 -4.19
CA ASP A 159 -22.71 -3.20 -3.90
C ASP A 159 -21.29 -2.59 -3.73
N PRO A 160 -20.66 -2.22 -4.83
CA PRO A 160 -19.20 -1.96 -4.72
C PRO A 160 -18.95 -0.62 -4.08
N SER A 161 -17.80 -0.46 -3.42
CA SER A 161 -17.43 0.77 -2.77
C SER A 161 -17.30 1.90 -3.80
N ASP A 162 -17.44 3.16 -3.35
CA ASP A 162 -17.22 4.33 -4.21
C ASP A 162 -15.71 4.63 -4.51
N PHE A 163 -14.90 4.59 -3.47
CA PHE A 163 -13.43 4.80 -3.60
C PHE A 163 -12.66 3.61 -3.02
N LEU A 164 -11.79 3.00 -3.82
CA LEU A 164 -11.00 1.81 -3.42
C LEU A 164 -9.53 2.02 -3.68
N PHE A 165 -8.76 1.69 -2.68
CA PHE A 165 -7.28 1.72 -2.73
C PHE A 165 -6.73 0.34 -2.30
N TRP A 166 -5.66 -0.10 -2.96
CA TRP A 166 -4.97 -1.37 -2.71
C TRP A 166 -3.50 -0.96 -2.66
N ILE A 167 -2.93 -1.09 -1.48
CA ILE A 167 -1.49 -0.69 -1.14
C ILE A 167 -0.68 -1.79 -0.47
N GLY A 168 0.55 -1.99 -0.96
CA GLY A 168 1.41 -3.00 -0.42
C GLY A 168 2.35 -3.54 -1.48
N ASP A 169 3.20 -4.51 -1.05
CA ASP A 169 4.01 -5.26 -2.03
C ASP A 169 3.09 -6.37 -2.60
N LEU A 170 2.74 -6.22 -3.87
CA LEU A 170 1.75 -7.12 -4.52
C LEU A 170 2.42 -8.45 -4.99
N ASN A 171 3.71 -8.57 -4.76
CA ASN A 171 4.54 -9.69 -5.22
C ASN A 171 4.66 -9.73 -6.76
N VAL A 172 4.46 -8.58 -7.35
CA VAL A 172 4.71 -8.31 -8.74
C VAL A 172 6.16 -7.86 -8.90
N ARG A 173 6.83 -8.45 -9.87
CA ARG A 173 8.29 -8.14 -10.10
C ARG A 173 8.53 -7.77 -11.57
N VAL A 174 9.78 -7.45 -11.85
CA VAL A 174 10.25 -7.16 -13.21
C VAL A 174 10.85 -8.41 -13.82
N GLU A 175 10.19 -8.94 -14.84
CA GLU A 175 10.56 -10.14 -15.51
C GLU A 175 11.58 -9.99 -16.69
N THR A 176 12.80 -9.62 -16.32
CA THR A 176 13.98 -9.62 -17.18
C THR A 176 15.26 -9.79 -16.32
N ASN A 177 16.42 -9.94 -16.97
CA ASN A 177 17.62 -10.19 -16.21
C ASN A 177 18.13 -8.91 -15.61
N ALA A 178 18.99 -9.02 -14.62
CA ALA A 178 19.52 -7.84 -13.89
C ALA A 178 20.39 -6.89 -14.72
N THR A 179 21.16 -7.44 -15.65
CA THR A 179 21.98 -6.65 -16.50
C THR A 179 21.16 -5.62 -17.27
N HIS A 180 20.17 -6.16 -17.97
CA HIS A 180 19.28 -5.31 -18.78
C HIS A 180 18.51 -4.37 -17.92
N ALA A 181 17.98 -4.83 -16.76
CA ALA A 181 17.20 -3.95 -15.93
C ALA A 181 18.09 -2.78 -15.42
N LYS A 182 19.29 -3.11 -15.01
CA LYS A 182 20.22 -2.06 -14.47
C LYS A 182 20.62 -1.09 -15.54
N SER A 183 20.74 -1.54 -16.78
CA SER A 183 21.02 -0.67 -17.94
C SER A 183 19.91 0.32 -18.16
N LEU A 184 18.67 -0.17 -18.14
CA LEU A 184 17.48 0.69 -18.24
C LEU A 184 17.37 1.71 -17.07
N VAL A 185 17.67 1.29 -15.85
CA VAL A 185 17.72 2.25 -14.71
C VAL A 185 18.76 3.39 -14.98
N ASP A 186 19.94 2.98 -15.42
CA ASP A 186 21.02 3.96 -15.64
C ASP A 186 20.66 4.94 -16.76
N GLN A 187 19.90 4.48 -17.76
CA GLN A 187 19.39 5.34 -18.83
C GLN A 187 18.13 6.13 -18.42
N ASN A 188 17.68 6.00 -17.18
CA ASN A 188 16.34 6.52 -16.80
C ASN A 188 15.18 6.18 -17.74
N ASN A 189 15.20 4.98 -18.30
CA ASN A 189 14.16 4.55 -19.15
C ASN A 189 13.18 3.74 -18.29
N ILE A 190 12.36 4.48 -17.59
CA ILE A 190 11.44 3.92 -16.56
C ILE A 190 10.33 3.16 -17.28
N ASP A 191 9.75 3.81 -18.29
CA ASP A 191 8.72 3.11 -19.10
C ASP A 191 9.24 1.85 -19.86
N GLY A 192 10.48 1.91 -20.35
CA GLY A 192 11.11 0.78 -21.00
C GLY A 192 11.24 -0.39 -20.07
N LEU A 193 11.65 -0.10 -18.84
CA LEU A 193 11.79 -1.19 -17.87
C LEU A 193 10.38 -1.70 -17.37
N MET A 194 9.43 -0.77 -17.21
CA MET A 194 8.06 -1.15 -16.90
C MET A 194 7.41 -2.11 -17.88
N ALA A 195 7.89 -2.07 -19.11
CA ALA A 195 7.42 -3.03 -20.12
C ALA A 195 7.55 -4.50 -19.64
N PHE A 196 8.53 -4.75 -18.77
CA PHE A 196 8.80 -6.11 -18.25
C PHE A 196 8.11 -6.39 -16.91
N ASP A 197 7.42 -5.42 -16.34
CA ASP A 197 6.79 -5.56 -15.04
C ASP A 197 5.55 -6.48 -15.15
N GLN A 198 5.33 -7.23 -14.07
CA GLN A 198 4.32 -8.32 -14.08
C GLN A 198 2.86 -7.84 -13.83
N LEU A 199 2.60 -6.59 -13.52
CA LEU A 199 1.23 -6.19 -13.25
C LEU A 199 0.36 -6.43 -14.46
N LYS A 200 0.87 -6.10 -15.64
CA LYS A 200 0.03 -6.39 -16.83
C LYS A 200 -0.25 -7.82 -17.00
N LYS A 201 0.72 -8.66 -16.68
CA LYS A 201 0.53 -10.15 -16.71
C LYS A 201 -0.58 -10.64 -15.77
N ALA A 202 -0.53 -10.12 -14.56
CA ALA A 202 -1.56 -10.36 -13.56
C ALA A 202 -2.91 -9.94 -14.08
N LYS A 203 -2.99 -8.78 -14.71
CA LYS A 203 -4.28 -8.35 -15.26
C LYS A 203 -4.78 -9.16 -16.43
N GLU A 204 -3.88 -9.59 -17.31
CA GLU A 204 -4.25 -10.52 -18.42
C GLU A 204 -4.88 -11.76 -17.85
N GLN A 205 -4.44 -12.22 -16.67
CA GLN A 205 -5.06 -13.34 -15.99
C GLN A 205 -6.29 -12.95 -15.15
N LYS A 206 -6.86 -11.77 -15.38
CA LYS A 206 -8.05 -11.28 -14.61
C LYS A 206 -7.85 -11.06 -13.10
N LEU A 207 -6.61 -10.74 -12.73
CA LEU A 207 -6.32 -10.31 -11.44
C LEU A 207 -6.21 -8.73 -11.49
N PHE A 208 -6.59 -8.08 -10.42
CA PHE A 208 -6.49 -6.63 -10.30
C PHE A 208 -7.26 -5.98 -11.50
N ASP A 209 -8.34 -6.66 -11.92
CA ASP A 209 -9.07 -6.28 -13.12
C ASP A 209 -9.63 -4.91 -12.90
N GLY A 210 -9.35 -3.95 -13.80
CA GLY A 210 -9.98 -2.61 -13.71
C GLY A 210 -9.30 -1.69 -12.67
N TRP A 211 -8.22 -2.16 -12.03
CA TRP A 211 -7.48 -1.37 -11.03
C TRP A 211 -6.43 -0.62 -11.73
N THR A 212 -6.23 0.68 -11.38
CA THR A 212 -5.32 1.56 -12.08
C THR A 212 -4.16 1.93 -11.21
N GLU A 213 -2.93 1.94 -11.76
CA GLU A 213 -1.82 2.47 -11.06
C GLU A 213 -1.52 3.86 -11.56
N PRO A 214 -1.19 4.80 -10.66
CA PRO A 214 -0.69 6.06 -11.20
C PRO A 214 0.60 5.91 -12.01
N GLN A 215 0.87 6.86 -12.92
CA GLN A 215 2.12 6.80 -13.71
C GLN A 215 3.36 6.75 -12.78
N VAL A 216 4.27 5.81 -13.06
CA VAL A 216 5.50 5.62 -12.31
C VAL A 216 6.67 6.33 -13.00
N THR A 217 7.25 7.29 -12.32
CA THR A 217 8.43 8.03 -12.82
C THR A 217 9.66 7.78 -11.97
N PHE A 218 9.54 7.06 -10.85
CA PHE A 218 10.65 6.74 -10.00
C PHE A 218 11.32 5.41 -10.37
N LYS A 219 12.60 5.33 -10.06
CA LYS A 219 13.32 4.08 -10.19
C LYS A 219 12.82 2.93 -9.30
N PRO A 220 13.11 1.66 -9.69
CA PRO A 220 12.73 0.53 -8.87
C PRO A 220 13.03 0.72 -7.41
N THR A 221 12.09 0.36 -6.56
CA THR A 221 12.27 0.51 -5.11
C THR A 221 12.98 -0.64 -4.35
N TYR A 222 13.47 -1.65 -5.06
CA TYR A 222 14.02 -2.92 -4.60
C TYR A 222 14.96 -3.45 -5.67
N LYS A 223 16.05 -4.14 -5.30
CA LYS A 223 16.50 -4.51 -3.96
C LYS A 223 17.78 -3.71 -3.71
N PHE A 224 17.76 -2.94 -2.63
CA PHE A 224 18.88 -2.07 -2.24
C PHE A 224 19.78 -2.68 -1.17
N LYS A 225 21.07 -2.31 -1.20
CA LYS A 225 21.91 -2.45 0.00
C LYS A 225 21.43 -1.43 1.01
N PRO A 226 21.04 -1.91 2.21
CA PRO A 226 20.54 -1.03 3.26
C PRO A 226 21.44 0.17 3.48
N ASN A 227 20.85 1.33 3.72
CA ASN A 227 21.59 2.58 3.98
C ASN A 227 22.34 3.17 2.80
N THR A 228 22.09 2.68 1.57
CA THR A 228 22.68 3.22 0.36
C THR A 228 21.64 3.38 -0.71
N ASP A 229 22.06 3.96 -1.83
CA ASP A 229 21.25 4.06 -3.05
C ASP A 229 21.76 3.08 -4.09
N GLU A 230 22.40 2.04 -3.60
CA GLU A 230 23.04 1.02 -4.44
C GLU A 230 22.24 -0.28 -4.51
N TYR A 231 21.87 -0.65 -5.71
CA TYR A 231 21.17 -1.88 -5.93
C TYR A 231 22.01 -3.05 -5.60
N ASP A 232 21.39 -3.98 -4.92
CA ASP A 232 21.86 -5.34 -4.79
C ASP A 232 21.37 -6.16 -5.94
N LEU A 233 22.24 -6.43 -6.92
CA LEU A 233 21.85 -6.98 -8.19
C LEU A 233 21.76 -8.52 -8.17
N SER A 234 21.73 -9.10 -6.97
CA SER A 234 21.27 -10.47 -6.67
C SER A 234 19.78 -10.66 -7.02
N ALA A 235 19.03 -9.57 -7.08
CA ALA A 235 17.67 -9.63 -7.68
C ALA A 235 17.57 -8.56 -8.78
N THR A 236 16.79 -8.85 -9.82
CA THR A 236 16.40 -7.84 -10.80
C THR A 236 15.67 -6.69 -10.15
N PRO A 237 16.20 -5.47 -10.25
CA PRO A 237 15.50 -4.28 -9.72
C PRO A 237 14.00 -4.27 -10.11
N SER A 238 13.11 -4.05 -9.14
CA SER A 238 11.64 -4.18 -9.37
C SER A 238 10.93 -3.13 -8.59
N TRP A 239 9.67 -2.90 -8.97
CA TRP A 239 8.72 -2.09 -8.20
C TRP A 239 7.89 -3.01 -7.31
N THR A 240 8.15 -2.95 -6.00
CA THR A 240 7.56 -3.88 -5.05
C THR A 240 6.30 -3.28 -4.40
N ASP A 241 6.50 -2.29 -3.53
CA ASP A 241 5.36 -1.51 -2.98
C ASP A 241 4.68 -0.73 -4.10
N ARG A 242 3.32 -0.89 -4.20
CA ARG A 242 2.51 -0.29 -5.25
C ARG A 242 1.22 0.29 -4.61
N ALA A 243 0.66 1.25 -5.31
CA ALA A 243 -0.70 1.83 -5.02
C ALA A 243 -1.59 1.75 -6.23
N LEU A 244 -2.70 1.05 -6.07
CA LEU A 244 -3.71 0.94 -7.10
C LEU A 244 -4.98 1.58 -6.56
N TYR A 245 -5.76 2.10 -7.50
CA TYR A 245 -7.04 2.74 -7.20
C TYR A 245 -8.14 2.29 -8.15
N LYS A 246 -9.36 2.39 -7.65
CA LYS A 246 -10.53 2.15 -8.49
C LYS A 246 -11.77 2.78 -7.81
N SER A 247 -12.77 3.07 -8.63
CA SER A 247 -14.14 3.27 -8.15
C SER A 247 -15.05 2.23 -8.68
N GLY A 248 -15.94 1.79 -7.81
CA GLY A 248 -17.04 0.92 -8.24
C GLY A 248 -18.28 1.68 -8.75
N THR A 249 -18.32 3.01 -8.68
CA THR A 249 -19.52 3.82 -8.94
C THR A 249 -19.30 5.05 -9.84
N GLY A 250 -18.26 5.06 -10.68
CA GLY A 250 -18.05 6.07 -11.68
C GLY A 250 -17.49 7.37 -11.11
N LYS A 251 -16.97 7.32 -9.90
CA LYS A 251 -16.37 8.51 -9.24
C LYS A 251 -14.95 8.78 -9.70
N THR A 252 -14.59 10.04 -9.81
CA THR A 252 -13.31 10.45 -10.29
C THR A 252 -12.32 10.41 -9.13
N ILE A 253 -11.17 9.74 -9.34
CA ILE A 253 -10.05 9.67 -8.40
C ILE A 253 -8.83 10.08 -9.19
N GLN A 254 -8.21 11.18 -8.77
CA GLN A 254 -7.13 11.80 -9.50
C GLN A 254 -5.86 11.74 -8.62
N PRO A 255 -4.93 10.92 -9.06
CA PRO A 255 -3.65 10.98 -8.46
C PRO A 255 -2.98 12.39 -8.63
N LEU A 256 -2.42 12.89 -7.53
CA LEU A 256 -1.69 14.15 -7.49
C LEU A 256 -0.17 13.89 -7.58
N SER A 257 0.27 12.86 -6.85
CA SER A 257 1.67 12.57 -6.62
C SER A 257 1.79 11.02 -6.43
N TYR A 258 2.88 10.43 -6.93
CA TYR A 258 3.18 9.01 -6.70
C TYR A 258 4.69 8.91 -6.70
N ASN A 259 5.28 8.58 -5.56
CA ASN A 259 6.72 8.66 -5.37
CA ASN A 259 6.73 8.58 -5.49
C ASN A 259 7.30 7.70 -4.40
N SER A 260 8.48 7.15 -4.66
CA SER A 260 9.20 6.42 -3.63
C SER A 260 9.87 7.51 -2.73
N LEU A 261 10.14 7.14 -1.50
CA LEU A 261 10.75 8.06 -0.50
C LEU A 261 12.14 7.59 -0.22
N THR A 262 13.03 8.05 -1.07
CA THR A 262 14.44 7.64 -0.99
C THR A 262 15.14 8.03 0.31
N ASN A 263 14.62 9.04 1.04
CA ASN A 263 15.20 9.38 2.39
C ASN A 263 15.03 8.31 3.45
N TYR A 264 14.18 7.30 3.19
CA TYR A 264 14.08 6.17 4.09
C TYR A 264 14.85 4.97 3.50
N LYS A 265 16.12 4.85 3.92
CA LYS A 265 17.04 3.87 3.35
C LYS A 265 17.36 2.70 4.24
N GLN A 266 16.68 2.57 5.37
CA GLN A 266 16.99 1.56 6.36
C GLN A 266 16.95 0.18 5.85
N THR A 267 16.24 -0.05 4.75
CA THR A 267 16.13 -1.44 4.34
C THR A 267 16.20 -1.59 2.82
N GLU A 268 15.98 -2.82 2.39
CA GLU A 268 16.11 -3.26 1.00
C GLU A 268 15.01 -2.74 0.05
N HIS A 269 13.86 -2.29 0.59
CA HIS A 269 12.82 -1.63 -0.17
C HIS A 269 12.63 -0.21 0.34
N ARG A 270 12.27 0.70 -0.55
CA ARG A 270 11.98 2.10 -0.23
C ARG A 270 10.44 2.27 -0.15
N PRO A 271 9.93 2.93 0.91
CA PRO A 271 8.46 3.18 0.95
C PRO A 271 7.91 4.04 -0.21
N VAL A 272 6.61 3.86 -0.56
CA VAL A 272 5.93 4.51 -1.67
C VAL A 272 4.72 5.25 -1.15
N LEU A 273 4.68 6.54 -1.47
CA LEU A 273 3.67 7.51 -1.09
C LEU A 273 2.87 7.99 -2.26
N ALA A 274 1.55 7.80 -2.18
CA ALA A 274 0.65 8.36 -3.16
C ALA A 274 -0.29 9.36 -2.48
N LYS A 275 -0.60 10.36 -3.24
CA LYS A 275 -1.57 11.41 -2.88
C LYS A 275 -2.64 11.45 -3.96
N PHE A 276 -3.89 11.45 -3.54
CA PHE A 276 -4.98 11.53 -4.45
C PHE A 276 -5.98 12.59 -4.03
N ARG A 277 -6.73 13.03 -5.01
CA ARG A 277 -7.93 13.82 -4.74
C ARG A 277 -9.13 13.10 -5.34
N VAL A 278 -10.10 12.85 -4.49
CA VAL A 278 -11.32 12.22 -4.91
C VAL A 278 -12.50 13.22 -4.96
N THR A 279 -13.30 13.07 -6.01
CA THR A 279 -14.56 13.85 -6.24
C THR A 279 -15.79 13.03 -5.82
N LEU A 280 -16.40 13.45 -4.71
CA LEU A 280 -17.58 12.73 -4.20
C LEU A 280 -18.79 12.90 -5.13
CHA HEM B . 1.17 -0.04 15.43
CHB HEM B . 4.37 -3.58 16.10
CHC HEM B . 6.98 -1.67 12.53
CHD HEM B . 3.65 1.63 11.67
C1A HEM B . 1.80 -1.16 15.90
C2A HEM B . 1.23 -2.06 16.84
C3A HEM B . 2.11 -3.07 17.00
C4A HEM B . 3.23 -2.78 16.17
CMA HEM B . 2.02 -4.29 17.89
CAA HEM B . -0.16 -1.95 17.47
CBA HEM B . -0.05 -1.89 19.01
CGA HEM B . -1.30 -1.29 19.65
O1A HEM B . -2.35 -1.04 19.01
O2A HEM B . -1.24 -1.03 20.89
C1B HEM B . 5.40 -3.40 15.14
C2B HEM B . 6.54 -4.23 14.97
C3B HEM B . 7.28 -3.67 13.96
C4B HEM B . 6.54 -2.48 13.57
CMB HEM B . 6.91 -5.50 15.68
CAB HEM B . 8.59 -4.10 13.40
CBB HEM B . 9.39 -4.98 13.98
C1C HEM B . 6.32 -0.65 11.94
C2C HEM B . 6.67 0.03 10.76
C3C HEM B . 5.74 0.99 10.54
C4C HEM B . 4.76 0.85 11.56
CMC HEM B . 7.92 -0.15 9.92
CAC HEM B . 5.82 1.97 9.47
CBC HEM B . 5.24 3.14 9.58
C1D HEM B . 2.69 1.37 12.67
C2D HEM B . 1.49 2.18 12.70
C3D HEM B . 0.78 1.72 13.76
C4D HEM B . 1.62 0.64 14.33
CMD HEM B . 1.06 3.30 11.83
CAD HEM B . -0.56 2.26 14.29
CBD HEM B . -0.24 3.42 15.31
CGD HEM B . -1.48 4.03 15.96
O1D HEM B . -1.91 5.07 15.49
O2D HEM B . -2.01 3.51 16.93
NA HEM B . 3.08 -1.57 15.62
NB HEM B . 5.51 -2.32 14.37
NC HEM B . 5.20 -0.11 12.43
ND HEM B . 2.87 0.55 13.76
FE HEM B . 4.12 -0.81 14.09
#